data_2CMW
#
_entry.id   2CMW
#
_cell.length_a   50.219
_cell.length_b   57.166
_cell.length_c   129.229
_cell.angle_alpha   90.00
_cell.angle_beta   90.00
_cell.angle_gamma   90.00
#
_symmetry.space_group_name_H-M   'P 21 21 21'
#
loop_
_entity.id
_entity.type
_entity.pdbx_description
1 polymer 'CASEIN KINASE I ISOFORM GAMMA-1'
2 non-polymer 2-(2-HYDROXYETHYLAMINO)-6-(3-CHLOROANILINO)-9-ISOPROPYLPURINE
3 non-polymer 'PHOSPHATE ION'
4 non-polymer 'ACETATE ION'
5 water water
#
_entity_poly.entity_id   1
_entity_poly.type   'polypeptide(L)'
_entity_poly.pdbx_seq_one_letter_code
;SMRVGKKIGCGNFGELRLGKNLYTNEYVAIKLEPIKSRAPQLHLEYRFYKQLGSAGEGLPQVYYFGP(SCS)GKYNAMVL
ELLGPSLEDLFDLCDRTFTLKTVLMIAIQLLSRMEYVHSKNLIYRDVKPENFLIGRQGNKKEHVIHIIDFGLAKEYIDPE
TKKHIPYREHKSLTGTARYMSINTHLGKEQSRRDDLEALGHMFMYFLRGSLPWQGLKADTLKERYQKIGDTKRNTPIEAL
CENFPEEMATYLRYVRRLDFFEKPDYEYLRTLFTDLFEKKGYTFDYAYDWVGRPIPTPVGSVHVDSGASAITRE
;
_entity_poly.pdbx_strand_id   A
#
# COMPACT_ATOMS: atom_id res chain seq x y z
N MET A 2 17.12 1.36 20.00
CA MET A 2 18.18 1.25 21.04
C MET A 2 18.30 -0.23 21.43
N ARG A 3 17.91 -0.61 22.66
CA ARG A 3 17.90 -2.02 23.07
C ARG A 3 16.69 -2.78 22.55
N VAL A 4 16.88 -4.07 22.27
CA VAL A 4 15.80 -4.91 21.89
C VAL A 4 14.74 -4.89 22.96
N GLY A 5 13.50 -5.03 22.52
CA GLY A 5 12.32 -4.96 23.40
C GLY A 5 11.66 -3.61 23.38
N LYS A 6 12.36 -2.63 22.85
CA LYS A 6 11.80 -1.28 22.67
C LYS A 6 10.54 -1.28 21.81
N LYS A 7 9.51 -0.56 22.25
CA LYS A 7 8.34 -0.36 21.41
C LYS A 7 8.69 0.62 20.30
N ILE A 8 8.51 0.18 19.05
CA ILE A 8 8.81 0.97 17.88
C ILE A 8 7.59 1.22 16.99
N GLY A 9 6.40 0.87 17.48
CA GLY A 9 5.19 1.12 16.77
C GLY A 9 3.95 0.73 17.55
N CYS A 10 2.88 1.48 17.31
CA CYS A 10 1.61 1.34 18.01
C CYS A 10 0.61 1.10 16.91
N GLY A 11 0.16 -0.13 16.78
CA GLY A 11 -0.72 -0.52 15.67
C GLY A 11 -2.16 -0.57 16.10
N ASN A 12 -3.03 -0.86 15.13
CA ASN A 12 -4.46 -0.94 15.39
C ASN A 12 -4.81 -2.21 16.16
N PHE A 13 -4.05 -3.27 15.93
CA PHE A 13 -4.36 -4.56 16.53
C PHE A 13 -3.32 -5.00 17.55
N GLY A 14 -2.25 -4.24 17.72
CA GLY A 14 -1.18 -4.65 18.60
C GLY A 14 -0.03 -3.67 18.56
N GLU A 15 1.17 -4.18 18.76
CA GLU A 15 2.28 -3.29 18.73
C GLU A 15 3.45 -3.86 17.98
N LEU A 16 4.48 -3.05 17.86
CA LEU A 16 5.68 -3.42 17.11
C LEU A 16 6.84 -3.21 18.06
N ARG A 17 7.72 -4.21 18.14
CA ARG A 17 8.87 -4.13 19.02
C ARG A 17 10.14 -4.49 18.28
N LEU A 18 11.24 -3.95 18.76
CA LEU A 18 12.58 -4.22 18.23
C LEU A 18 13.08 -5.56 18.71
N GLY A 19 13.55 -6.39 17.78
CA GLY A 19 14.15 -7.67 18.12
C GLY A 19 15.52 -7.79 17.48
N LYS A 20 16.17 -8.88 17.79
CA LYS A 20 17.46 -9.27 17.19
C LYS A 20 17.38 -10.65 16.58
N ASN A 21 18.02 -10.80 15.44
CA ASN A 21 18.25 -12.11 14.83
C ASN A 21 19.59 -12.60 15.33
N LEU A 22 19.55 -13.66 16.15
CA LEU A 22 20.77 -14.23 16.74
C LEU A 22 21.75 -14.80 15.71
N TYR A 23 21.25 -15.14 14.52
CA TYR A 23 22.12 -15.66 13.49
C TYR A 23 23.03 -14.61 12.90
N THR A 24 22.55 -13.37 12.84
CA THR A 24 23.24 -12.31 12.10
C THR A 24 23.57 -11.08 12.93
N ASN A 25 23.06 -11.02 14.15
CA ASN A 25 23.08 -9.80 15.00
C ASN A 25 22.28 -8.64 14.47
N GLU A 26 21.56 -8.83 13.37
CA GLU A 26 20.74 -7.76 12.81
C GLU A 26 19.48 -7.50 13.61
N TYR A 27 19.06 -6.23 13.65
CA TYR A 27 17.79 -5.90 14.22
C TYR A 27 16.68 -6.40 13.28
N VAL A 28 15.56 -6.81 13.90
CA VAL A 28 14.36 -7.24 13.19
C VAL A 28 13.12 -6.57 13.82
N ALA A 29 11.98 -6.65 13.13
CA ALA A 29 10.70 -6.12 13.61
C ALA A 29 9.87 -7.27 14.18
N ILE A 30 9.31 -7.08 15.36
CA ILE A 30 8.41 -8.09 15.99
C ILE A 30 7.03 -7.47 16.07
N LYS A 31 6.13 -7.95 15.24
CA LYS A 31 4.77 -7.55 15.22
C LYS A 31 3.99 -8.44 16.19
N LEU A 32 3.27 -7.78 17.11
CA LEU A 32 2.59 -8.46 18.20
C LEU A 32 1.09 -8.26 18.17
N GLU A 33 0.35 -9.34 18.43
CA GLU A 33 -1.10 -9.30 18.53
C GLU A 33 -1.49 -10.09 19.78
N PRO A 34 -2.30 -9.50 20.67
CA PRO A 34 -2.67 -10.19 21.88
C PRO A 34 -3.32 -11.52 21.55
N ILE A 35 -2.97 -12.56 22.29
CA ILE A 35 -3.61 -13.85 22.16
C ILE A 35 -5.11 -13.77 22.47
N LYS A 36 -5.49 -12.80 23.31
CA LYS A 36 -6.91 -12.58 23.65
C LYS A 36 -7.71 -11.91 22.55
N SER A 37 -7.09 -11.54 21.43
CA SER A 37 -7.80 -10.88 20.36
C SER A 37 -9.09 -11.63 20.03
N ARG A 38 -10.18 -10.89 19.87
CA ARG A 38 -11.44 -11.45 19.39
C ARG A 38 -11.61 -11.22 17.87
N ALA A 39 -10.59 -10.66 17.22
CA ALA A 39 -10.52 -10.52 15.75
C ALA A 39 -9.08 -10.74 15.24
N PRO A 40 -8.53 -11.93 15.49
CA PRO A 40 -7.12 -12.20 15.14
C PRO A 40 -6.85 -12.06 13.66
N GLN A 41 -5.74 -11.41 13.34
CA GLN A 41 -5.35 -11.10 11.97
C GLN A 41 -3.91 -11.51 11.67
N LEU A 42 -3.09 -11.69 12.70
CA LEU A 42 -1.66 -11.76 12.49
C LEU A 42 -1.27 -13.06 11.78
N HIS A 43 -1.91 -14.17 12.12
CA HIS A 43 -1.57 -15.47 11.53
C HIS A 43 -1.99 -15.50 10.05
N LEU A 44 -3.15 -14.92 9.74
CA LEU A 44 -3.62 -14.73 8.33
C LEU A 44 -2.56 -14.02 7.49
N GLU A 45 -2.05 -12.94 8.07
CA GLU A 45 -1.02 -12.15 7.45
C GLU A 45 0.24 -12.96 7.20
N TYR A 46 0.64 -13.73 8.20
CA TYR A 46 1.80 -14.58 8.07
C TYR A 46 1.63 -15.54 6.91
N ARG A 47 0.46 -16.15 6.82
CA ARG A 47 0.19 -17.11 5.75
C ARG A 47 0.27 -16.48 4.38
N PHE A 48 -0.30 -15.28 4.24
CA PHE A 48 -0.17 -14.49 3.01
C PHE A 48 1.29 -14.14 2.69
N TYR A 49 2.04 -13.60 3.65
CA TYR A 49 3.46 -13.34 3.41
C TYR A 49 4.17 -14.60 2.91
N LYS A 50 3.85 -15.76 3.47
CA LYS A 50 4.48 -17.00 3.03
C LYS A 50 4.10 -17.37 1.59
N GLN A 51 2.84 -17.13 1.21
CA GLN A 51 2.41 -17.34 -0.17
C GLN A 51 3.14 -16.44 -1.16
N LEU A 52 3.46 -15.23 -0.73
CA LEU A 52 4.19 -14.26 -1.56
C LEU A 52 5.66 -14.60 -1.75
N GLY A 53 6.30 -15.12 -0.69
CA GLY A 53 7.75 -15.33 -0.68
C GLY A 53 8.53 -14.02 -0.52
N SER A 54 9.82 -14.14 -0.22
CA SER A 54 10.71 -12.96 -0.07
C SER A 54 11.61 -12.79 -1.32
N ALA A 55 11.31 -13.52 -2.39
CA ALA A 55 12.07 -13.46 -3.63
C ALA A 55 11.89 -12.15 -4.37
N GLY A 56 10.64 -11.84 -4.74
CA GLY A 56 10.30 -10.61 -5.45
C GLY A 56 10.71 -9.39 -4.64
N GLU A 57 11.28 -8.38 -5.32
CA GLU A 57 11.80 -7.22 -4.60
C GLU A 57 10.65 -6.43 -3.97
N GLY A 58 10.94 -5.79 -2.84
CA GLY A 58 9.96 -4.92 -2.21
C GLY A 58 8.99 -5.64 -1.29
N LEU A 59 9.30 -6.89 -0.93
CA LEU A 59 8.56 -7.58 0.13
C LEU A 59 9.51 -7.83 1.30
N PRO A 60 9.06 -7.51 2.51
CA PRO A 60 9.89 -7.81 3.67
C PRO A 60 10.12 -9.31 3.84
N GLN A 61 11.34 -9.68 4.21
CA GLN A 61 11.61 -11.04 4.59
C GLN A 61 10.83 -11.38 5.85
N VAL A 62 10.33 -12.61 5.94
CA VAL A 62 9.57 -13.05 7.11
C VAL A 62 10.28 -14.26 7.71
N TYR A 63 10.42 -14.25 9.02
CA TYR A 63 11.30 -15.20 9.71
C TYR A 63 10.61 -16.18 10.64
N TYR A 64 9.49 -15.80 11.25
CA TYR A 64 8.95 -16.57 12.36
C TYR A 64 7.53 -16.15 12.69
N PHE A 65 6.75 -17.13 13.11
CA PHE A 65 5.45 -16.89 13.74
C PHE A 65 5.28 -17.80 14.93
N GLY A 66 4.92 -17.26 16.08
CA GLY A 66 4.62 -18.11 17.23
C GLY A 66 4.20 -17.35 18.45
N PRO A 67 3.76 -18.07 19.50
CA PRO A 67 3.28 -17.45 20.73
C PRO A 67 4.46 -16.98 21.57
N GLY A 69 4.59 -15.05 25.21
CA GLY A 69 3.94 -14.45 26.35
C GLY A 69 2.45 -14.32 26.09
N LYS A 70 1.92 -13.12 26.29
CA LYS A 70 0.49 -12.87 26.08
C LYS A 70 0.14 -12.50 24.65
N TYR A 71 1.13 -12.60 23.75
CA TYR A 71 0.98 -12.23 22.35
C TYR A 71 1.24 -13.39 21.43
N ASN A 72 0.71 -13.28 20.22
CA ASN A 72 1.30 -13.97 19.09
C ASN A 72 2.29 -13.03 18.43
N ALA A 73 3.40 -13.58 17.94
CA ALA A 73 4.49 -12.74 17.44
C ALA A 73 4.79 -13.15 15.99
N MET A 74 4.94 -12.15 15.11
CA MET A 74 5.42 -12.40 13.77
C MET A 74 6.69 -11.61 13.61
N VAL A 75 7.76 -12.26 13.19
CA VAL A 75 9.04 -11.57 13.10
C VAL A 75 9.49 -11.39 11.68
N LEU A 76 9.84 -10.17 11.31
CA LEU A 76 10.17 -9.93 9.91
C LEU A 76 11.17 -8.80 9.79
N GLU A 77 11.60 -8.59 8.57
CA GLU A 77 12.59 -7.58 8.23
C GLU A 77 12.16 -6.19 8.70
N LEU A 78 13.10 -5.48 9.34
CA LEU A 78 12.89 -4.11 9.79
C LEU A 78 13.13 -3.14 8.66
N LEU A 79 12.14 -2.28 8.45
CA LEU A 79 12.15 -1.32 7.35
C LEU A 79 12.18 0.10 7.86
N GLY A 80 12.24 1.05 6.92
CA GLY A 80 12.17 2.49 7.22
C GLY A 80 10.78 3.07 7.32
N PRO A 81 10.67 4.40 7.19
CA PRO A 81 9.38 5.06 7.32
C PRO A 81 8.45 4.83 6.16
N SER A 82 7.17 5.10 6.38
CA SER A 82 6.18 4.96 5.33
C SER A 82 6.13 6.14 4.39
N LEU A 83 5.41 5.96 3.28
CA LEU A 83 5.19 7.06 2.35
C LEU A 83 4.40 8.19 3.01
N GLU A 84 3.53 7.87 3.95
CA GLU A 84 2.78 8.92 4.62
C GLU A 84 3.71 9.75 5.53
N ASP A 85 4.63 9.08 6.21
CA ASP A 85 5.61 9.77 7.07
C ASP A 85 6.51 10.67 6.20
N LEU A 86 6.97 10.13 5.07
CA LEU A 86 7.82 10.88 4.12
C LEU A 86 7.03 12.03 3.47
N PHE A 87 5.73 11.82 3.30
CA PHE A 87 4.86 12.88 2.75
C PHE A 87 4.80 14.02 3.75
N ASP A 88 4.58 13.68 5.02
CA ASP A 88 4.64 14.65 6.10
C ASP A 88 6.01 15.37 6.15
N LEU A 89 7.09 14.60 6.05
CA LEU A 89 8.46 15.18 6.03
C LEU A 89 8.66 16.19 4.90
N CYS A 90 8.02 15.93 3.76
CA CYS A 90 8.10 16.80 2.59
C CYS A 90 6.97 17.83 2.53
N ASP A 91 6.36 18.13 3.69
CA ASP A 91 5.35 19.18 3.79
C ASP A 91 4.10 18.90 2.95
N ARG A 92 3.78 17.63 2.77
CA ARG A 92 2.52 17.16 2.18
C ARG A 92 2.22 17.59 0.76
N THR A 93 3.27 17.60 -0.06
CA THR A 93 3.13 17.45 -1.51
C THR A 93 4.40 16.76 -1.99
N PHE A 94 4.26 15.95 -3.04
CA PHE A 94 5.41 15.38 -3.74
C PHE A 94 5.46 15.94 -5.14
N THR A 95 6.67 16.05 -5.68
CA THR A 95 6.86 16.45 -7.07
C THR A 95 6.37 15.35 -8.01
N LEU A 96 6.11 15.73 -9.26
CA LEU A 96 5.77 14.76 -10.30
C LEU A 96 6.82 13.66 -10.43
N LYS A 97 8.10 14.04 -10.43
CA LYS A 97 9.17 13.05 -10.53
C LYS A 97 9.10 12.00 -9.41
N THR A 98 8.88 12.45 -8.17
CA THR A 98 8.75 11.52 -7.06
C THR A 98 7.53 10.62 -7.22
N VAL A 99 6.39 11.22 -7.53
CA VAL A 99 5.17 10.45 -7.71
C VAL A 99 5.32 9.44 -8.86
N LEU A 100 5.96 9.81 -9.97
CA LEU A 100 6.13 8.85 -11.06
C LEU A 100 7.05 7.69 -10.63
N MET A 101 8.12 7.99 -9.90
CA MET A 101 9.04 6.94 -9.43
C MET A 101 8.30 5.97 -8.48
N ILE A 102 7.50 6.53 -7.58
CA ILE A 102 6.63 5.72 -6.70
C ILE A 102 5.68 4.84 -7.49
N ALA A 103 4.97 5.46 -8.44
CA ALA A 103 3.93 4.79 -9.21
C ALA A 103 4.46 3.63 -10.01
N ILE A 104 5.58 3.85 -10.70
CA ILE A 104 6.14 2.84 -11.58
C ILE A 104 6.52 1.60 -10.75
N GLN A 105 7.12 1.83 -9.59
CA GLN A 105 7.54 0.78 -8.70
C GLN A 105 6.36 0.03 -8.09
N LEU A 106 5.35 0.77 -7.64
CA LEU A 106 4.20 0.16 -6.99
C LEU A 106 3.34 -0.57 -7.97
N LEU A 107 3.34 -0.16 -9.24
CA LEU A 107 2.67 -0.96 -10.26
C LEU A 107 3.34 -2.35 -10.40
N SER A 108 4.66 -2.41 -10.37
CA SER A 108 5.34 -3.71 -10.38
C SER A 108 5.07 -4.53 -9.13
N ARG A 109 5.06 -3.84 -7.98
CA ARG A 109 4.79 -4.48 -6.69
C ARG A 109 3.39 -5.11 -6.65
N MET A 110 2.40 -4.35 -7.11
CA MET A 110 1.03 -4.83 -7.08
C MET A 110 0.84 -5.95 -8.10
N GLU A 111 1.47 -5.81 -9.27
CA GLU A 111 1.47 -6.89 -10.25
C GLU A 111 2.00 -8.19 -9.65
N TYR A 112 3.10 -8.07 -8.88
CA TYR A 112 3.70 -9.24 -8.27
C TYR A 112 2.74 -9.88 -7.29
N VAL A 113 2.11 -9.06 -6.47
CA VAL A 113 1.12 -9.57 -5.50
C VAL A 113 0.00 -10.31 -6.25
N HIS A 114 -0.53 -9.69 -7.29
CA HIS A 114 -1.56 -10.34 -8.13
C HIS A 114 -1.07 -11.63 -8.78
N SER A 115 0.20 -11.66 -9.18
CA SER A 115 0.80 -12.87 -9.79
C SER A 115 0.84 -14.05 -8.82
N LYS A 116 0.84 -13.77 -7.51
CA LYS A 116 0.75 -14.78 -6.47
C LYS A 116 -0.69 -15.06 -6.02
N ASN A 117 -1.67 -14.64 -6.84
CA ASN A 117 -3.08 -14.97 -6.66
C ASN A 117 -3.73 -14.25 -5.51
N LEU A 118 -3.13 -13.13 -5.09
CA LEU A 118 -3.65 -12.36 -3.99
C LEU A 118 -4.09 -11.01 -4.48
N ILE A 119 -5.18 -10.52 -3.90
CA ILE A 119 -5.51 -9.10 -3.99
C ILE A 119 -5.25 -8.50 -2.60
N TYR A 120 -4.86 -7.24 -2.60
CA TYR A 120 -4.30 -6.59 -1.42
C TYR A 120 -5.34 -5.91 -0.52
N ARG A 121 -6.14 -5.04 -1.13
CA ARG A 121 -7.34 -4.44 -0.52
C ARG A 121 -7.11 -3.46 0.62
N ASP A 122 -5.88 -2.98 0.80
CA ASP A 122 -5.60 -1.99 1.85
C ASP A 122 -4.60 -0.95 1.38
N VAL A 123 -4.76 -0.48 0.13
CA VAL A 123 -3.87 0.53 -0.41
C VAL A 123 -4.02 1.83 0.42
N LYS A 124 -2.90 2.28 0.96
CA LYS A 124 -2.76 3.57 1.59
C LYS A 124 -1.28 3.87 1.80
N PRO A 125 -0.93 5.17 1.88
CA PRO A 125 0.48 5.53 2.02
C PRO A 125 1.18 4.93 3.24
N GLU A 126 0.45 4.70 4.33
CA GLU A 126 1.01 4.11 5.54
C GLU A 126 1.52 2.70 5.33
N ASN A 127 1.05 2.02 4.29
CA ASN A 127 1.41 0.62 4.03
C ASN A 127 2.53 0.40 3.01
N PHE A 128 3.21 1.48 2.63
CA PHE A 128 4.34 1.41 1.72
C PHE A 128 5.53 2.02 2.43
N LEU A 129 6.56 1.22 2.72
CA LEU A 129 7.73 1.67 3.50
C LEU A 129 9.00 1.55 2.68
N ILE A 130 9.85 2.56 2.78
CA ILE A 130 11.20 2.44 2.20
C ILE A 130 12.06 1.52 3.04
N GLY A 131 13.10 0.92 2.46
CA GLY A 131 14.11 0.27 3.26
C GLY A 131 14.85 1.22 4.18
N ARG A 132 15.50 0.64 5.18
CA ARG A 132 16.35 1.37 6.11
C ARG A 132 17.52 2.01 5.39
N GLN A 133 18.08 3.06 5.97
CA GLN A 133 19.10 3.86 5.30
C GLN A 133 20.38 3.09 5.00
N GLY A 134 20.93 2.50 6.05
CA GLY A 134 22.17 1.74 5.92
C GLY A 134 22.04 0.56 4.99
N ASN A 135 20.89 -0.11 5.06
CA ASN A 135 20.68 -1.38 4.38
C ASN A 135 20.58 -1.32 2.84
N LYS A 136 21.03 -0.23 2.22
CA LYS A 136 21.20 -0.16 0.75
C LYS A 136 19.90 -0.38 -0.06
N LYS A 137 18.78 -0.48 0.64
CA LYS A 137 17.49 -0.70 0.00
C LYS A 137 16.57 0.46 0.35
N GLU A 138 17.16 1.63 0.63
CA GLU A 138 16.36 2.81 0.93
C GLU A 138 15.59 3.25 -0.27
N HIS A 139 16.05 2.89 -1.46
CA HIS A 139 15.34 3.28 -2.68
C HIS A 139 14.16 2.37 -3.00
N VAL A 140 14.07 1.23 -2.30
CA VAL A 140 13.03 0.27 -2.54
C VAL A 140 11.79 0.56 -1.71
N ILE A 141 10.65 0.62 -2.37
CA ILE A 141 9.37 0.82 -1.72
C ILE A 141 8.72 -0.53 -1.50
N HIS A 142 8.55 -0.90 -0.24
CA HIS A 142 8.04 -2.21 0.15
C HIS A 142 6.55 -2.12 0.44
N ILE A 143 5.82 -3.18 0.14
CA ILE A 143 4.40 -3.31 0.54
C ILE A 143 4.35 -4.15 1.83
N ILE A 144 3.58 -3.67 2.83
CA ILE A 144 3.41 -4.34 4.10
C ILE A 144 1.92 -4.46 4.43
N ASP A 145 1.62 -5.17 5.52
CA ASP A 145 0.25 -5.33 6.08
C ASP A 145 -0.72 -6.03 5.14
N PHE A 146 -0.65 -7.34 5.17
CA PHE A 146 -1.49 -8.21 4.36
C PHE A 146 -2.70 -8.75 5.08
N GLY A 147 -3.06 -8.10 6.19
CA GLY A 147 -4.18 -8.52 7.01
C GLY A 147 -5.52 -8.49 6.30
N LEU A 148 -5.71 -7.59 5.34
CA LEU A 148 -6.99 -7.48 4.61
C LEU A 148 -6.98 -8.17 3.24
N ALA A 149 -5.90 -8.88 2.93
CA ALA A 149 -5.74 -9.48 1.62
C ALA A 149 -6.65 -10.70 1.43
N LYS A 150 -6.75 -11.14 0.18
CA LYS A 150 -7.61 -12.26 -0.17
C LYS A 150 -7.05 -13.00 -1.38
N GLU A 151 -7.24 -14.32 -1.37
CA GLU A 151 -6.90 -15.13 -2.53
C GLU A 151 -8.04 -15.00 -3.56
N TYR A 152 -7.72 -14.45 -4.74
CA TYR A 152 -8.75 -14.15 -5.76
C TYR A 152 -8.87 -15.25 -6.81
N ILE A 153 -7.90 -16.17 -6.84
CA ILE A 153 -7.98 -17.41 -7.63
C ILE A 153 -8.10 -18.55 -6.64
N ASP A 154 -9.17 -19.35 -6.77
CA ASP A 154 -9.36 -20.52 -5.91
C ASP A 154 -8.26 -21.54 -6.15
N PRO A 155 -7.54 -21.93 -5.08
CA PRO A 155 -6.45 -22.90 -5.22
C PRO A 155 -6.89 -24.21 -5.89
N GLU A 156 -8.07 -24.71 -5.52
CA GLU A 156 -8.59 -25.97 -6.05
C GLU A 156 -8.98 -25.88 -7.53
N THR A 157 -9.94 -25.02 -7.85
CA THR A 157 -10.45 -24.92 -9.21
C THR A 157 -9.57 -24.08 -10.12
N LYS A 158 -8.65 -23.32 -9.54
CA LYS A 158 -7.84 -22.35 -10.27
C LYS A 158 -8.72 -21.30 -10.96
N LYS A 159 -9.99 -21.18 -10.55
CA LYS A 159 -10.89 -20.18 -11.11
C LYS A 159 -10.89 -18.92 -10.28
N HIS A 160 -11.08 -17.80 -10.94
CA HIS A 160 -11.25 -16.50 -10.30
C HIS A 160 -12.48 -16.53 -9.40
N ILE A 161 -12.38 -15.91 -8.22
CA ILE A 161 -13.50 -15.81 -7.29
C ILE A 161 -14.70 -15.21 -8.01
N PRO A 162 -15.93 -15.63 -7.64
CA PRO A 162 -17.11 -15.10 -8.32
C PRO A 162 -17.41 -13.64 -7.95
N TYR A 163 -18.17 -12.97 -8.82
CA TYR A 163 -18.67 -11.63 -8.51
C TYR A 163 -19.74 -11.68 -7.42
N ARG A 164 -19.73 -10.68 -6.54
CA ARG A 164 -20.69 -10.55 -5.48
C ARG A 164 -20.92 -9.10 -5.10
N GLU A 165 -22.05 -8.84 -4.45
CA GLU A 165 -22.37 -7.51 -3.96
C GLU A 165 -22.74 -7.56 -2.47
N HIS A 166 -23.20 -6.44 -1.93
CA HIS A 166 -23.53 -6.33 -0.51
C HIS A 166 -22.38 -6.77 0.40
N LYS A 167 -21.19 -6.20 0.19
CA LYS A 167 -20.00 -6.49 1.01
C LYS A 167 -19.77 -5.45 2.11
N SER A 168 -18.84 -5.79 3.01
CA SER A 168 -18.48 -5.03 4.22
C SER A 168 -18.16 -3.52 4.11
N LEU A 169 -17.04 -3.19 3.47
CA LEU A 169 -16.32 -1.90 3.66
C LEU A 169 -15.52 -1.89 4.97
N GLY A 171 -11.63 -1.62 3.62
CA GLY A 171 -10.30 -1.03 3.60
C GLY A 171 -10.30 0.37 4.20
N THR A 172 -9.63 1.31 3.52
CA THR A 172 -9.55 2.70 3.97
C THR A 172 -10.35 3.58 3.05
N ALA A 173 -11.29 4.35 3.61
CA ALA A 173 -12.23 5.10 2.75
C ALA A 173 -11.58 6.11 1.80
N ARG A 174 -10.50 6.76 2.21
CA ARG A 174 -9.92 7.84 1.42
C ARG A 174 -9.45 7.38 0.03
N TYR A 175 -8.91 6.18 -0.06
CA TYR A 175 -8.34 5.71 -1.33
C TYR A 175 -9.16 4.66 -2.04
N MET A 176 -10.14 4.05 -1.37
CA MET A 176 -10.80 2.89 -1.97
C MET A 176 -11.54 3.23 -3.28
N SER A 177 -11.63 2.23 -4.15
CA SER A 177 -12.31 2.36 -5.44
C SER A 177 -13.80 2.65 -5.30
N ILE A 178 -14.36 3.26 -6.34
CA ILE A 178 -15.78 3.56 -6.34
C ILE A 178 -16.61 2.29 -6.15
N ASN A 179 -16.20 1.20 -6.80
CA ASN A 179 -16.94 -0.07 -6.71
C ASN A 179 -16.85 -0.69 -5.32
N THR A 180 -15.79 -0.39 -4.57
CA THR A 180 -15.70 -0.83 -3.20
C THR A 180 -16.78 -0.13 -2.36
N HIS A 181 -16.95 1.17 -2.59
CA HIS A 181 -17.98 1.99 -1.91
C HIS A 181 -19.38 1.44 -2.15
N LEU A 182 -19.59 0.84 -3.32
CA LEU A 182 -20.88 0.25 -3.66
C LEU A 182 -21.06 -1.20 -3.16
N GLY A 183 -20.09 -1.72 -2.41
CA GLY A 183 -20.24 -3.02 -1.74
C GLY A 183 -19.97 -4.20 -2.65
N LYS A 184 -19.29 -3.95 -3.77
CA LYS A 184 -18.94 -5.01 -4.70
C LYS A 184 -17.68 -5.73 -4.26
N GLU A 185 -17.63 -7.03 -4.56
CA GLU A 185 -16.45 -7.83 -4.27
C GLU A 185 -15.27 -7.15 -4.95
N GLN A 186 -14.17 -6.97 -4.23
CA GLN A 186 -13.00 -6.34 -4.82
C GLN A 186 -12.22 -7.34 -5.67
N SER A 187 -11.57 -6.85 -6.72
CA SER A 187 -10.68 -7.66 -7.53
C SER A 187 -9.46 -6.83 -7.91
N ARG A 188 -8.69 -7.30 -8.88
CA ARG A 188 -7.42 -6.66 -9.15
C ARG A 188 -7.57 -5.17 -9.50
N ARG A 189 -8.60 -4.84 -10.27
CA ARG A 189 -8.87 -3.44 -10.65
C ARG A 189 -8.93 -2.50 -9.46
N ASP A 190 -9.47 -2.97 -8.34
CA ASP A 190 -9.71 -2.09 -7.20
C ASP A 190 -8.41 -1.69 -6.50
N ASP A 191 -7.42 -2.57 -6.52
CA ASP A 191 -6.08 -2.25 -6.03
C ASP A 191 -5.45 -1.14 -6.87
N LEU A 192 -5.61 -1.23 -8.18
CA LEU A 192 -5.04 -0.26 -9.09
C LEU A 192 -5.74 1.10 -9.02
N GLU A 193 -7.04 1.11 -8.78
CA GLU A 193 -7.76 2.38 -8.65
C GLU A 193 -7.36 3.11 -7.35
N ALA A 194 -7.21 2.36 -6.25
CA ALA A 194 -6.79 2.92 -4.98
C ALA A 194 -5.39 3.53 -5.10
N LEU A 195 -4.50 2.86 -5.82
CA LEU A 195 -3.19 3.42 -6.12
C LEU A 195 -3.31 4.74 -6.86
N GLY A 196 -4.20 4.80 -7.86
CA GLY A 196 -4.40 6.03 -8.60
C GLY A 196 -4.89 7.20 -7.73
N HIS A 197 -5.79 6.91 -6.81
CA HIS A 197 -6.28 7.92 -5.85
C HIS A 197 -5.12 8.39 -4.95
N MET A 198 -4.27 7.45 -4.57
CA MET A 198 -3.12 7.78 -3.75
C MET A 198 -2.13 8.65 -4.52
N PHE A 199 -1.93 8.34 -5.80
CA PHE A 199 -1.01 9.16 -6.61
C PHE A 199 -1.52 10.60 -6.69
N MET A 200 -2.83 10.77 -6.84
CA MET A 200 -3.41 12.10 -6.97
C MET A 200 -3.37 12.85 -5.64
N TYR A 201 -3.59 12.13 -4.55
CA TYR A 201 -3.34 12.64 -3.19
C TYR A 201 -1.93 13.24 -3.06
N PHE A 202 -0.92 12.50 -3.50
CA PHE A 202 0.45 12.99 -3.42
C PHE A 202 0.69 14.25 -4.27
N LEU A 203 0.15 14.27 -5.49
CA LEU A 203 0.37 15.40 -6.40
C LEU A 203 -0.39 16.65 -5.96
N ARG A 204 -1.64 16.47 -5.59
CA ARG A 204 -2.49 17.58 -5.20
C ARG A 204 -2.20 18.07 -3.80
N GLY A 205 -1.80 17.14 -2.92
CA GLY A 205 -1.67 17.41 -1.49
C GLY A 205 -2.88 16.94 -0.68
N SER A 206 -4.00 16.74 -1.36
CA SER A 206 -5.22 16.25 -0.74
C SER A 206 -6.20 15.80 -1.81
N LEU A 207 -7.26 15.10 -1.40
CA LEU A 207 -8.34 14.73 -2.29
C LEU A 207 -9.58 15.49 -1.86
N PRO A 208 -10.49 15.76 -2.82
CA PRO A 208 -11.63 16.60 -2.51
C PRO A 208 -12.72 15.93 -1.64
N TRP A 209 -12.60 14.64 -1.39
CA TRP A 209 -13.49 13.93 -0.50
C TRP A 209 -12.88 13.77 0.91
N GLN A 210 -11.77 14.45 1.18
CA GLN A 210 -11.24 14.52 2.53
C GLN A 210 -12.00 15.54 3.34
N GLY A 211 -12.08 15.30 4.64
CA GLY A 211 -12.61 16.27 5.59
C GLY A 211 -14.10 16.47 5.52
N LEU A 212 -14.84 15.47 5.05
CA LEU A 212 -16.29 15.55 4.97
C LEU A 212 -16.90 15.21 6.34
N LYS A 213 -18.03 15.84 6.66
CA LYS A 213 -18.71 15.65 7.94
C LYS A 213 -19.89 14.69 7.77
N ALA A 214 -20.15 13.88 8.78
CA ALA A 214 -21.19 12.83 8.70
C ALA A 214 -22.04 12.70 9.97
N ASP A 215 -23.11 11.92 9.85
CA ASP A 215 -23.94 11.53 11.00
C ASP A 215 -23.28 10.38 11.75
N THR A 216 -22.75 9.41 11.00
CA THR A 216 -22.03 8.28 11.56
C THR A 216 -20.96 7.80 10.58
N LEU A 217 -20.24 6.74 10.95
CA LEU A 217 -19.23 6.14 10.06
C LEU A 217 -19.89 5.77 8.72
N LYS A 218 -21.05 5.12 8.81
CA LYS A 218 -21.81 4.70 7.63
C LYS A 218 -22.02 5.84 6.65
N GLU A 219 -22.41 7.00 7.19
CA GLU A 219 -22.74 8.18 6.39
C GLU A 219 -21.50 8.84 5.80
N ARG A 220 -20.39 8.80 6.53
CA ARG A 220 -19.12 9.35 6.02
C ARG A 220 -18.69 8.54 4.81
N TYR A 221 -18.61 7.22 4.94
CA TYR A 221 -18.29 6.34 3.80
C TYR A 221 -19.17 6.68 2.61
N GLN A 222 -20.46 6.89 2.88
CA GLN A 222 -21.44 7.26 1.87
C GLN A 222 -21.13 8.62 1.23
N LYS A 223 -20.82 9.62 2.05
CA LYS A 223 -20.49 10.95 1.52
C LYS A 223 -19.20 10.94 0.72
N ILE A 224 -18.22 10.16 1.17
CA ILE A 224 -16.94 10.06 0.48
C ILE A 224 -17.14 9.38 -0.87
N GLY A 225 -17.86 8.26 -0.87
CA GLY A 225 -18.20 7.55 -2.11
C GLY A 225 -19.01 8.39 -3.09
N ASP A 226 -19.99 9.12 -2.58
CA ASP A 226 -20.81 10.01 -3.40
C ASP A 226 -19.94 11.08 -4.07
N THR A 227 -19.03 11.65 -3.29
CA THR A 227 -18.16 12.73 -3.76
C THR A 227 -17.14 12.26 -4.79
N LYS A 228 -16.60 11.05 -4.60
CA LYS A 228 -15.74 10.45 -5.62
C LYS A 228 -16.48 10.35 -6.95
N ARG A 229 -17.72 9.86 -6.91
CA ARG A 229 -18.50 9.70 -8.15
C ARG A 229 -18.78 11.06 -8.78
N ASN A 230 -19.07 12.05 -7.93
CA ASN A 230 -19.43 13.39 -8.40
C ASN A 230 -18.24 14.25 -8.81
N THR A 231 -17.03 13.79 -8.51
CA THR A 231 -15.82 14.49 -8.93
C THR A 231 -15.34 13.87 -10.24
N PRO A 232 -15.49 14.60 -11.36
CA PRO A 232 -14.97 14.07 -12.62
C PRO A 232 -13.45 13.98 -12.58
N ILE A 233 -12.91 12.96 -13.23
CA ILE A 233 -11.46 12.76 -13.32
C ILE A 233 -10.77 14.02 -13.83
N GLU A 234 -11.40 14.68 -14.81
CA GLU A 234 -10.89 15.93 -15.37
C GLU A 234 -10.71 17.01 -14.30
N ALA A 235 -11.67 17.11 -13.39
CA ALA A 235 -11.58 18.05 -12.27
C ALA A 235 -10.50 17.61 -11.29
N LEU A 236 -10.52 16.33 -10.93
CA LEU A 236 -9.53 15.75 -10.04
C LEU A 236 -8.08 15.92 -10.53
N CYS A 237 -7.88 15.78 -11.83
CA CYS A 237 -6.54 15.84 -12.40
C CYS A 237 -6.22 17.15 -13.12
N GLU A 238 -7.02 18.19 -12.88
CA GLU A 238 -6.78 19.49 -13.50
C GLU A 238 -5.40 20.01 -13.13
N ASN A 239 -4.69 20.50 -14.14
CA ASN A 239 -3.34 21.06 -13.97
C ASN A 239 -2.27 20.04 -13.60
N PHE A 240 -2.54 18.77 -13.87
CA PHE A 240 -1.53 17.71 -13.78
C PHE A 240 -1.52 17.01 -15.13
N PRO A 241 -0.47 16.24 -15.44
CA PRO A 241 -0.36 15.65 -16.77
C PRO A 241 -1.55 14.77 -17.13
N GLU A 242 -1.93 14.78 -18.40
CA GLU A 242 -3.08 14.00 -18.86
C GLU A 242 -2.96 12.50 -18.55
N GLU A 243 -1.74 12.01 -18.42
CA GLU A 243 -1.48 10.59 -18.13
C GLU A 243 -2.12 10.11 -16.82
N MET A 244 -2.23 11.02 -15.85
CA MET A 244 -2.88 10.69 -14.57
C MET A 244 -4.35 10.40 -14.78
N ALA A 245 -4.99 11.21 -15.63
CA ALA A 245 -6.41 11.02 -15.96
C ALA A 245 -6.58 9.77 -16.81
N THR A 246 -5.65 9.54 -17.75
CA THR A 246 -5.66 8.33 -18.56
C THR A 246 -5.60 7.08 -17.68
N TYR A 247 -4.73 7.10 -16.68
CA TYR A 247 -4.59 6.01 -15.69
C TYR A 247 -5.92 5.74 -14.98
N LEU A 248 -6.51 6.78 -14.43
CA LEU A 248 -7.74 6.64 -13.65
C LEU A 248 -8.89 6.09 -14.50
N ARG A 249 -9.08 6.67 -15.68
CA ARG A 249 -10.08 6.17 -16.62
C ARG A 249 -9.92 4.69 -16.93
N TYR A 250 -8.68 4.28 -17.20
CA TYR A 250 -8.41 2.89 -17.55
C TYR A 250 -8.80 1.96 -16.40
N VAL A 251 -8.30 2.25 -15.20
CA VAL A 251 -8.57 1.37 -14.06
C VAL A 251 -10.03 1.41 -13.62
N ARG A 252 -10.67 2.57 -13.70
CA ARG A 252 -12.10 2.69 -13.39
C ARG A 252 -12.95 1.86 -14.37
N ARG A 253 -12.46 1.67 -15.59
CA ARG A 253 -13.18 0.96 -16.63
C ARG A 253 -12.86 -0.53 -16.74
N LEU A 254 -11.93 -1.03 -15.93
CA LEU A 254 -11.64 -2.46 -15.92
C LEU A 254 -12.86 -3.24 -15.47
N ASP A 255 -13.05 -4.42 -16.05
CA ASP A 255 -14.11 -5.33 -15.68
C ASP A 255 -13.65 -6.21 -14.51
N PHE A 256 -14.59 -6.84 -13.81
CA PHE A 256 -14.33 -7.55 -12.56
C PHE A 256 -13.26 -8.65 -12.67
N PHE A 257 -13.35 -9.46 -13.72
CA PHE A 257 -12.46 -10.59 -13.91
C PHE A 257 -11.20 -10.20 -14.68
N GLU A 258 -11.16 -8.97 -15.19
CA GLU A 258 -10.16 -8.58 -16.18
C GLU A 258 -8.74 -8.50 -15.60
N LYS A 259 -7.78 -9.06 -16.33
CA LYS A 259 -6.37 -8.92 -15.99
C LYS A 259 -5.90 -7.55 -16.45
N PRO A 260 -5.52 -6.68 -15.51
CA PRO A 260 -5.03 -5.36 -15.91
C PRO A 260 -3.79 -5.47 -16.77
N ASP A 261 -3.63 -4.51 -17.66
CA ASP A 261 -2.41 -4.41 -18.46
C ASP A 261 -1.43 -3.53 -17.68
N TYR A 262 -0.66 -4.16 -16.79
CA TYR A 262 0.21 -3.40 -15.88
C TYR A 262 1.31 -2.69 -16.65
N GLU A 263 1.81 -3.35 -17.68
CA GLU A 263 2.84 -2.80 -18.56
C GLU A 263 2.36 -1.53 -19.27
N TYR A 264 1.11 -1.53 -19.73
CA TYR A 264 0.52 -0.34 -20.34
C TYR A 264 0.54 0.84 -19.38
N LEU A 265 0.18 0.58 -18.12
CA LEU A 265 0.13 1.61 -17.09
C LEU A 265 1.53 2.12 -16.71
N ARG A 266 2.49 1.21 -16.58
CA ARG A 266 3.88 1.62 -16.33
C ARG A 266 4.49 2.44 -17.49
N THR A 267 4.18 2.05 -18.72
CA THR A 267 4.68 2.74 -19.91
C THR A 267 4.06 4.14 -20.05
N LEU A 268 2.82 4.27 -19.61
CA LEU A 268 2.14 5.56 -19.55
C LEU A 268 2.97 6.55 -18.71
N PHE A 269 3.43 6.09 -17.56
CA PHE A 269 4.20 6.90 -16.63
C PHE A 269 5.68 7.06 -17.01
N THR A 270 6.27 5.98 -17.51
CA THR A 270 7.64 6.03 -18.03
C THR A 270 7.80 6.96 -19.23
N ASP A 271 6.83 6.94 -20.15
CA ASP A 271 6.87 7.85 -21.30
C ASP A 271 6.77 9.32 -20.85
N LEU A 272 5.89 9.60 -19.89
CA LEU A 272 5.82 10.94 -19.30
C LEU A 272 7.12 11.31 -18.60
N PHE A 273 7.66 10.36 -17.85
CA PHE A 273 8.92 10.55 -17.12
C PHE A 273 10.04 10.97 -18.09
N GLU A 274 10.15 10.27 -19.21
CA GLU A 274 11.14 10.62 -20.24
C GLU A 274 10.83 11.95 -20.93
N LYS A 275 9.56 12.18 -21.25
CA LYS A 275 9.10 13.43 -21.83
C LYS A 275 9.48 14.64 -20.97
N LYS A 276 9.42 14.50 -19.66
CA LYS A 276 9.78 15.58 -18.73
C LYS A 276 11.31 15.75 -18.54
N GLY A 277 12.08 14.80 -19.04
CA GLY A 277 13.52 14.85 -18.98
C GLY A 277 14.06 14.38 -17.65
N TYR A 278 13.28 13.60 -16.92
CA TYR A 278 13.72 13.13 -15.61
C TYR A 278 14.66 11.93 -15.75
N THR A 279 15.51 11.74 -14.75
CA THR A 279 16.41 10.60 -14.66
C THR A 279 15.98 9.77 -13.46
N PHE A 280 15.86 8.46 -13.66
CA PHE A 280 15.40 7.56 -12.60
C PHE A 280 16.58 7.24 -11.69
N ASP A 281 16.95 8.20 -10.87
CA ASP A 281 18.13 8.13 -10.01
C ASP A 281 17.76 7.91 -8.52
N TYR A 282 16.49 7.65 -8.27
CA TYR A 282 15.96 7.45 -6.91
C TYR A 282 16.13 8.66 -6.02
N ALA A 283 16.33 9.84 -6.63
CA ALA A 283 16.36 11.08 -5.87
C ALA A 283 14.95 11.55 -5.58
N TYR A 284 14.28 10.84 -4.70
CA TYR A 284 12.95 11.22 -4.23
C TYR A 284 13.06 12.54 -3.48
N ASP A 285 11.92 13.23 -3.29
CA ASP A 285 11.92 14.52 -2.61
C ASP A 285 12.55 14.49 -1.21
N TRP A 286 12.43 13.33 -0.55
CA TRP A 286 12.91 13.19 0.81
C TRP A 286 14.43 13.00 0.91
N VAL A 287 15.06 12.62 -0.19
CA VAL A 287 16.52 12.48 -0.19
C VAL A 287 17.16 13.86 0.04
N GLY A 288 18.06 13.96 1.02
CA GLY A 288 18.63 15.24 1.44
C GLY A 288 17.97 15.78 2.70
N ARG A 289 16.83 15.19 3.08
CA ARG A 289 16.15 15.56 4.33
C ARG A 289 16.48 14.50 5.40
N PRO A 290 16.28 14.84 6.68
CA PRO A 290 16.57 13.90 7.75
C PRO A 290 15.55 12.77 7.83
N ILE A 291 15.99 11.57 7.49
CA ILE A 291 15.08 10.46 7.41
C ILE A 291 14.98 9.79 8.77
N PRO A 292 13.75 9.62 9.27
CA PRO A 292 13.55 8.84 10.47
C PRO A 292 14.14 7.43 10.37
N THR A 293 14.85 6.98 11.41
CA THR A 293 15.41 5.62 11.43
C THR A 293 14.93 4.88 12.67
N PRO A 294 14.54 3.61 12.51
CA PRO A 294 14.02 2.89 13.67
C PRO A 294 15.08 2.58 14.74
N VAL A 295 16.34 2.52 14.34
CA VAL A 295 17.43 2.13 15.22
C VAL A 295 18.76 2.58 14.57
N GLY A 296 19.81 2.76 15.37
CA GLY A 296 21.12 3.20 14.85
C GLY A 296 22.06 2.08 14.41
N SER A 297 22.55 1.31 15.38
CA SER A 297 23.69 0.37 15.21
C SER A 297 23.78 -0.30 13.84
#